data_8B5X
#
_entry.id   8B5X
#
_cell.length_a   133.921
_cell.length_b   133.921
_cell.length_c   106.581
_cell.angle_alpha   90.000
_cell.angle_beta   90.000
_cell.angle_gamma   120.000
#
_symmetry.space_group_name_H-M   'P 63'
#
loop_
_entity.id
_entity.type
_entity.pdbx_description
1 polymer 'SUN domain-containing protein 1'
2 polymer 'Inositol 1,4,5-triphosphate receptor associated 2'
3 non-polymer 'POTASSIUM ION'
4 non-polymer 'CHLORIDE ION'
5 water water
#
loop_
_entity_poly.entity_id
_entity_poly.type
_entity_poly.pdbx_seq_one_letter_code
_entity_poly.pdbx_strand_id
1 'polypeptide(L)'
;GSGGSGGITEAQARAIVNSALKLYSQDKTGMVDFALESGGGSILSTRCSETYETKTALMSLFGIPLWYFSQSPRVVIQPD
IYPGNCWAFKGSQGYLVVRLSMMIHPAAFTLEHIPKTLSPTGNISSAPKDFAVYGLENEYQEEGQLLGQFTYDQDGESLQ
MFQALKRPDDTAFQIVELRIFSNWGHPEYTCLYRFRVHGEPVK
;
A,B,C
2 'polypeptide(L)' GSMTGQLFQKSVDAAPTQQEDSWTSLEHILWPFTRLRHNGPPPV D,E
#
# COMPACT_ATOMS: atom_id res chain seq x y z
N THR A 9 15.76 16.21 -28.52
CA THR A 9 14.55 16.16 -27.72
C THR A 9 14.57 14.89 -26.88
N GLU A 10 15.61 14.05 -27.01
CA GLU A 10 15.67 12.80 -26.24
C GLU A 10 16.03 13.04 -24.77
N ALA A 11 17.11 13.77 -24.51
CA ALA A 11 17.45 14.07 -23.12
C ALA A 11 16.35 14.87 -22.45
N GLN A 12 15.73 15.79 -23.20
CA GLN A 12 14.60 16.54 -22.68
C GLN A 12 13.43 15.61 -22.35
N ALA A 13 13.23 14.60 -23.20
CA ALA A 13 12.20 13.60 -22.92
C ALA A 13 12.49 12.84 -21.64
N ARG A 14 13.72 12.36 -21.48
CA ARG A 14 14.07 11.66 -20.24
C ARG A 14 13.87 12.57 -19.03
N ALA A 15 14.23 13.84 -19.15
CA ALA A 15 14.02 14.77 -18.05
C ALA A 15 12.53 14.91 -17.73
N ILE A 16 11.70 15.04 -18.76
CA ILE A 16 10.26 15.17 -18.54
C ILE A 16 9.70 13.92 -17.85
N VAL A 17 10.12 12.74 -18.31
CA VAL A 17 9.62 11.50 -17.72
C VAL A 17 10.07 11.37 -16.27
N ASN A 18 11.34 11.64 -16.00
CA ASN A 18 11.81 11.56 -14.62
C ASN A 18 11.10 12.58 -13.75
N SER A 19 10.86 13.77 -14.27
CA SER A 19 10.11 14.78 -13.52
C SER A 19 8.70 14.29 -13.19
N ALA A 20 8.02 13.72 -14.18
CA ALA A 20 6.67 13.21 -13.95
C ALA A 20 6.64 12.07 -12.95
N LEU A 21 7.57 11.12 -13.09
CA LEU A 21 7.63 9.99 -12.15
C LEU A 21 7.94 10.46 -10.75
N LYS A 22 8.85 11.44 -10.62
CA LYS A 22 9.21 11.97 -9.31
C LYS A 22 8.01 12.62 -8.65
N LEU A 23 7.28 13.45 -9.40
CA LEU A 23 6.07 14.03 -8.83
C LEU A 23 5.07 12.96 -8.44
N TYR A 24 4.90 11.95 -9.30
CA TYR A 24 3.94 10.89 -9.01
C TYR A 24 4.30 10.20 -7.69
N SER A 25 5.59 9.91 -7.51
CA SER A 25 6.02 9.19 -6.33
C SER A 25 5.89 10.01 -5.05
N GLN A 26 5.73 11.33 -5.16
CA GLN A 26 5.58 12.17 -3.97
C GLN A 26 4.11 12.39 -3.64
N ASP A 27 3.40 11.29 -3.37
CA ASP A 27 1.98 11.34 -3.03
C ASP A 27 1.20 12.04 -4.14
N LYS A 28 1.69 11.96 -5.37
CA LYS A 28 1.10 12.53 -6.57
C LYS A 28 1.06 14.06 -6.61
N THR A 29 1.36 14.75 -5.50
CA THR A 29 1.27 16.20 -5.48
C THR A 29 2.55 16.93 -5.11
N GLY A 30 3.46 16.28 -4.40
CA GLY A 30 4.63 16.98 -3.92
C GLY A 30 4.38 17.93 -2.77
N MET A 31 3.25 17.79 -2.08
CA MET A 31 2.88 18.70 -1.01
C MET A 31 2.62 17.92 0.26
N VAL A 32 3.02 18.48 1.40
CA VAL A 32 2.70 17.88 2.69
C VAL A 32 1.19 17.73 2.83
N ASP A 33 0.76 16.59 3.35
CA ASP A 33 -0.64 16.38 3.72
C ASP A 33 -0.69 16.35 5.24
N PHE A 34 -1.16 17.46 5.84
CA PHE A 34 -1.17 17.56 7.28
C PHE A 34 -2.28 16.75 7.93
N ALA A 35 -3.20 16.21 7.14
CA ALA A 35 -4.21 15.29 7.64
C ALA A 35 -3.78 13.83 7.61
N LEU A 36 -2.70 13.50 6.91
CA LEU A 36 -2.33 12.10 6.73
C LEU A 36 -2.10 11.43 8.08
N GLU A 37 -2.71 10.27 8.27
CA GLU A 37 -2.69 9.64 9.58
C GLU A 37 -1.28 9.25 10.00
N SER A 38 -0.50 8.62 9.10
CA SER A 38 0.82 8.14 9.49
C SER A 38 1.72 9.30 9.93
N GLY A 39 1.52 10.48 9.37
CA GLY A 39 2.29 11.64 9.78
C GLY A 39 1.72 12.39 10.96
N GLY A 40 0.58 11.94 11.50
CA GLY A 40 0.05 12.52 12.71
C GLY A 40 -1.37 13.05 12.64
N GLY A 41 -2.07 12.91 11.51
CA GLY A 41 -3.46 13.30 11.47
C GLY A 41 -4.33 12.27 12.17
N SER A 42 -5.50 12.70 12.63
CA SER A 42 -6.41 11.74 13.25
C SER A 42 -7.84 12.19 13.05
N ILE A 43 -8.75 11.21 12.96
CA ILE A 43 -10.18 11.48 12.91
C ILE A 43 -10.72 11.73 14.31
N LEU A 44 -11.59 12.74 14.45
CA LEU A 44 -12.35 12.89 15.68
C LEU A 44 -13.67 12.16 15.45
N SER A 45 -13.65 10.85 15.71
CA SER A 45 -14.75 10.01 15.27
C SER A 45 -16.08 10.35 15.95
N THR A 46 -16.06 11.00 17.11
CA THR A 46 -17.35 11.40 17.67
C THR A 46 -17.94 12.60 16.96
N ARG A 47 -17.22 13.22 16.03
CA ARG A 47 -17.77 14.35 15.29
C ARG A 47 -17.92 14.05 13.81
N CYS A 48 -18.00 12.78 13.45
CA CYS A 48 -18.28 12.36 12.09
C CYS A 48 -19.74 11.91 11.97
N SER A 49 -20.26 11.96 10.74
CA SER A 49 -21.60 11.46 10.49
C SER A 49 -21.66 9.98 10.77
N GLU A 50 -22.87 9.46 10.79
CA GLU A 50 -23.10 8.03 11.03
C GLU A 50 -22.51 7.22 9.88
N THR A 51 -21.76 6.17 10.21
CA THR A 51 -21.26 5.25 9.19
C THR A 51 -22.39 4.41 8.61
N TYR A 52 -22.33 4.17 7.31
CA TYR A 52 -23.33 3.31 6.67
C TYR A 52 -23.09 1.86 7.03
N GLU A 53 -24.09 1.20 7.58
CA GLU A 53 -23.99 -0.19 8.03
C GLU A 53 -24.72 -1.15 7.09
N THR A 54 -23.98 -1.86 6.26
CA THR A 54 -24.46 -3.05 5.61
C THR A 54 -24.13 -4.25 6.47
N LYS A 55 -24.98 -5.26 6.41
CA LYS A 55 -24.65 -6.54 7.00
C LYS A 55 -24.15 -7.49 5.93
N THR A 56 -23.48 -6.97 4.90
CA THR A 56 -23.17 -7.78 3.73
C THR A 56 -21.71 -8.19 3.57
N ALA A 57 -20.77 -7.63 4.33
CA ALA A 57 -19.39 -8.10 4.27
C ALA A 57 -19.15 -8.95 5.52
N LEU A 58 -19.37 -10.25 5.41
CA LEU A 58 -19.31 -11.13 6.56
C LEU A 58 -17.91 -11.71 6.75
N MET A 59 -17.31 -11.47 7.91
CA MET A 59 -16.04 -12.10 8.26
C MET A 59 -16.39 -13.33 9.06
N SER A 60 -15.74 -14.44 8.73
CA SER A 60 -15.96 -15.69 9.42
C SER A 60 -14.63 -16.31 9.75
N LEU A 61 -14.66 -17.23 10.71
CA LEU A 61 -13.46 -17.93 11.14
C LEU A 61 -13.83 -19.39 11.30
N PHE A 62 -13.11 -20.29 10.60
CA PHE A 62 -13.48 -21.71 10.60
C PHE A 62 -14.93 -21.91 10.22
N GLY A 63 -15.46 -21.05 9.34
CA GLY A 63 -16.83 -21.14 8.88
C GLY A 63 -17.84 -20.51 9.81
N ILE A 64 -17.43 -20.01 10.97
CA ILE A 64 -18.35 -19.45 11.96
C ILE A 64 -18.51 -17.97 11.63
N PRO A 65 -19.73 -17.48 11.39
CA PRO A 65 -19.91 -16.04 11.15
C PRO A 65 -19.43 -15.28 12.37
N LEU A 66 -18.61 -14.28 12.14
CA LEU A 66 -17.94 -13.62 13.25
C LEU A 66 -18.33 -12.16 13.37
N TRP A 67 -18.10 -11.35 12.35
CA TRP A 67 -18.56 -9.98 12.49
C TRP A 67 -18.72 -9.41 11.10
N TYR A 68 -19.52 -8.36 11.00
CA TYR A 68 -19.82 -7.72 9.73
C TYR A 68 -18.88 -6.54 9.53
N PHE A 69 -18.14 -6.53 8.43
CA PHE A 69 -17.11 -5.53 8.23
C PHE A 69 -17.62 -4.25 7.55
N SER A 70 -17.10 -3.11 7.99
CA SER A 70 -17.35 -1.83 7.34
C SER A 70 -16.17 -0.91 7.62
N GLN A 71 -15.87 -0.01 6.68
CA GLN A 71 -14.67 0.82 6.83
C GLN A 71 -14.92 1.99 7.76
N SER A 72 -13.88 2.33 8.61
CA SER A 72 -13.99 3.46 9.52
C SER A 72 -13.55 4.74 8.82
N PRO A 73 -13.89 5.92 9.38
CA PRO A 73 -13.50 7.18 8.73
C PRO A 73 -12.00 7.37 8.64
N ARG A 74 -11.21 6.57 9.37
CA ARG A 74 -9.76 6.64 9.29
C ARG A 74 -9.26 6.44 7.86
N VAL A 75 -9.96 5.64 7.06
CA VAL A 75 -9.42 5.39 5.72
C VAL A 75 -9.38 6.67 4.90
N VAL A 76 -10.12 7.70 5.30
CA VAL A 76 -10.11 8.95 4.54
C VAL A 76 -8.76 9.64 4.61
N ILE A 77 -7.93 9.29 5.60
CA ILE A 77 -6.63 9.93 5.72
C ILE A 77 -5.55 8.86 5.60
N GLN A 78 -5.83 7.84 4.78
CA GLN A 78 -4.89 6.81 4.40
C GLN A 78 -4.80 6.75 2.88
N PRO A 79 -3.66 6.35 2.33
CA PRO A 79 -3.43 6.56 0.89
C PRO A 79 -4.05 5.53 -0.05
N ASP A 80 -4.37 4.32 0.39
CA ASP A 80 -4.86 3.32 -0.55
C ASP A 80 -6.19 3.76 -1.18
N ILE A 81 -6.25 3.79 -2.52
CA ILE A 81 -7.50 4.18 -3.19
C ILE A 81 -7.96 3.11 -4.17
N TYR A 82 -7.73 1.84 -3.87
CA TYR A 82 -8.39 0.79 -4.61
C TYR A 82 -9.89 0.83 -4.30
N PRO A 83 -10.73 0.46 -5.26
CA PRO A 83 -12.18 0.52 -5.05
C PRO A 83 -12.60 -0.18 -3.77
N GLY A 84 -13.44 0.46 -3.00
CA GLY A 84 -13.91 -0.12 -1.76
C GLY A 84 -13.18 0.36 -0.53
N ASN A 85 -11.97 0.90 -0.69
CA ASN A 85 -11.19 1.37 0.45
C ASN A 85 -11.53 2.83 0.74
N CYS A 86 -12.82 3.04 1.05
CA CYS A 86 -13.36 4.34 1.34
C CYS A 86 -14.29 4.24 2.53
N TRP A 87 -14.54 5.39 3.16
CA TRP A 87 -15.47 5.48 4.27
C TRP A 87 -16.83 5.78 3.68
N ALA A 88 -17.80 4.91 3.96
CA ALA A 88 -19.15 5.11 3.48
C ALA A 88 -19.96 5.66 4.64
N PHE A 89 -20.50 6.86 4.48
CA PHE A 89 -21.40 7.36 5.50
C PHE A 89 -22.81 7.32 4.96
N LYS A 90 -23.74 7.31 5.90
CA LYS A 90 -25.15 7.10 5.62
C LYS A 90 -25.75 8.33 4.94
N GLY A 91 -26.52 8.09 3.87
CA GLY A 91 -27.22 9.15 3.15
C GLY A 91 -26.31 9.90 2.19
N SER A 92 -26.77 11.08 1.78
CA SER A 92 -26.09 11.82 0.72
C SER A 92 -25.48 13.14 1.17
N GLN A 93 -25.50 13.44 2.46
CA GLN A 93 -24.74 14.56 3.00
C GLN A 93 -24.27 14.17 4.38
N GLY A 94 -23.11 14.70 4.77
CA GLY A 94 -22.52 14.32 6.04
C GLY A 94 -21.31 15.18 6.32
N TYR A 95 -20.53 14.78 7.32
CA TYR A 95 -19.41 15.58 7.78
C TYR A 95 -18.35 14.71 8.44
N LEU A 96 -17.12 15.18 8.40
CA LEU A 96 -15.97 14.50 8.97
C LEU A 96 -15.07 15.55 9.60
N VAL A 97 -14.59 15.31 10.82
CA VAL A 97 -13.69 16.23 11.51
C VAL A 97 -12.32 15.58 11.62
N VAL A 98 -11.29 16.33 11.24
CA VAL A 98 -9.93 15.83 11.14
C VAL A 98 -9.03 16.74 11.96
N ARG A 99 -8.19 16.15 12.80
CA ARG A 99 -7.18 16.90 13.53
C ARG A 99 -5.85 16.81 12.80
N LEU A 100 -5.26 17.95 12.49
CA LEU A 100 -4.06 17.94 11.67
C LEU A 100 -2.83 17.67 12.52
N SER A 101 -1.74 17.24 11.86
CA SER A 101 -0.55 16.94 12.62
C SER A 101 0.18 18.20 13.08
N MET A 102 -0.14 19.37 12.52
CA MET A 102 0.51 20.61 12.91
C MET A 102 -0.51 21.73 12.85
N MET A 103 -0.22 22.80 13.56
CA MET A 103 -0.97 24.04 13.45
C MET A 103 -0.53 24.73 12.16
N ILE A 104 -1.47 24.95 11.24
CA ILE A 104 -1.10 25.48 9.94
C ILE A 104 -2.05 26.60 9.50
N HIS A 105 -1.56 27.42 8.57
CA HIS A 105 -2.40 28.27 7.75
C HIS A 105 -2.82 27.41 6.57
N PRO A 106 -4.09 26.99 6.47
CA PRO A 106 -4.46 26.10 5.36
C PRO A 106 -4.53 26.85 4.05
N ALA A 107 -3.93 26.28 3.02
CA ALA A 107 -3.85 26.89 1.70
C ALA A 107 -4.68 26.21 0.63
N ALA A 108 -4.83 24.89 0.70
CA ALA A 108 -5.48 24.11 -0.34
C ALA A 108 -5.92 22.79 0.27
N PHE A 109 -6.83 22.12 -0.43
CA PHE A 109 -7.31 20.80 -0.04
C PHE A 109 -7.33 19.92 -1.28
N THR A 110 -7.23 18.62 -1.07
CA THR A 110 -7.33 17.66 -2.17
C THR A 110 -8.42 16.66 -1.82
N LEU A 111 -9.23 16.29 -2.80
CA LEU A 111 -10.15 15.16 -2.68
C LEU A 111 -9.83 14.15 -3.78
N GLU A 112 -9.74 12.86 -3.43
CA GLU A 112 -9.62 11.81 -4.43
C GLU A 112 -10.83 10.89 -4.40
N HIS A 113 -11.19 10.38 -5.57
CA HIS A 113 -12.18 9.32 -5.70
C HIS A 113 -11.68 8.36 -6.75
N ILE A 114 -12.25 7.16 -6.79
CA ILE A 114 -11.82 6.25 -7.85
C ILE A 114 -12.30 6.81 -9.17
N PRO A 115 -11.62 6.53 -10.27
CA PRO A 115 -12.18 6.88 -11.59
C PRO A 115 -13.32 5.94 -11.97
N LYS A 116 -14.24 6.45 -12.79
CA LYS A 116 -15.35 5.62 -13.26
C LYS A 116 -14.87 4.34 -13.93
N THR A 117 -13.70 4.39 -14.57
CA THR A 117 -13.26 3.23 -15.31
C THR A 117 -12.94 2.05 -14.41
N LEU A 118 -12.78 2.28 -13.12
CA LEU A 118 -12.47 1.20 -12.19
C LEU A 118 -13.66 0.85 -11.30
N SER A 119 -14.77 1.51 -11.46
CA SER A 119 -15.85 1.26 -10.54
C SER A 119 -16.66 0.05 -11.00
N PRO A 120 -16.84 -0.97 -10.15
CA PRO A 120 -17.60 -2.15 -10.57
C PRO A 120 -19.01 -1.81 -11.01
N THR A 121 -19.59 -0.77 -10.41
CA THR A 121 -20.97 -0.36 -10.66
C THR A 121 -21.14 0.37 -11.99
N GLY A 122 -20.04 0.75 -12.65
CA GLY A 122 -20.12 1.56 -13.86
C GLY A 122 -20.17 3.07 -13.61
N ASN A 123 -20.45 3.51 -12.39
CA ASN A 123 -20.60 4.92 -12.09
C ASN A 123 -19.92 5.26 -10.77
N ILE A 124 -19.82 6.56 -10.48
CA ILE A 124 -19.31 6.97 -9.18
C ILE A 124 -20.33 7.85 -8.48
N SER A 125 -21.61 7.50 -8.61
CA SER A 125 -22.69 8.26 -8.00
C SER A 125 -22.54 8.38 -6.48
N SER A 126 -21.69 7.59 -5.87
CA SER A 126 -21.44 7.71 -4.43
C SER A 126 -20.38 8.74 -4.07
N ALA A 127 -19.77 9.40 -5.06
CA ALA A 127 -18.71 10.36 -4.77
C ALA A 127 -19.29 11.65 -4.17
N PRO A 128 -18.50 12.35 -3.35
CA PRO A 128 -18.95 13.65 -2.85
C PRO A 128 -19.15 14.60 -4.01
N LYS A 129 -20.14 15.48 -3.88
CA LYS A 129 -20.26 16.51 -4.92
C LYS A 129 -20.03 17.91 -4.36
N ASP A 130 -20.99 18.47 -3.65
CA ASP A 130 -20.84 19.83 -3.11
C ASP A 130 -20.28 19.70 -1.71
N PHE A 131 -19.25 20.50 -1.40
CA PHE A 131 -18.66 20.39 -0.08
C PHE A 131 -18.02 21.72 0.33
N ALA A 132 -17.71 21.80 1.62
CA ALA A 132 -17.10 22.98 2.20
C ALA A 132 -16.12 22.50 3.24
N VAL A 133 -15.13 23.35 3.52
CA VAL A 133 -14.13 23.06 4.53
C VAL A 133 -14.08 24.25 5.48
N TYR A 134 -14.15 23.94 6.77
CA TYR A 134 -14.16 24.91 7.85
C TYR A 134 -12.99 24.64 8.78
N GLY A 135 -12.43 25.70 9.36
CA GLY A 135 -11.41 25.56 10.38
C GLY A 135 -12.04 25.74 11.76
N LEU A 136 -11.69 24.83 12.66
CA LEU A 136 -12.22 24.83 14.02
C LEU A 136 -11.10 25.15 15.01
N GLU A 137 -11.39 26.00 15.98
CA GLU A 137 -10.39 26.37 16.97
C GLU A 137 -10.24 25.38 18.09
N ASN A 138 -11.27 24.57 18.33
CA ASN A 138 -11.27 23.56 19.38
C ASN A 138 -12.24 22.48 18.95
N GLU A 139 -12.12 21.31 19.56
CA GLU A 139 -12.91 20.20 19.01
C GLU A 139 -14.41 20.34 19.29
N TYR A 140 -14.83 21.30 20.12
CA TYR A 140 -16.25 21.48 20.41
C TYR A 140 -16.94 22.58 19.61
N GLN A 141 -16.21 23.35 18.80
CA GLN A 141 -16.82 24.44 18.05
C GLN A 141 -17.66 23.87 16.90
N GLU A 142 -18.89 24.33 16.74
CA GLU A 142 -19.69 23.60 15.75
C GLU A 142 -19.52 24.06 14.31
N GLU A 143 -19.52 25.37 14.04
CA GLU A 143 -19.46 25.78 12.64
C GLU A 143 -18.04 26.14 12.21
N GLY A 144 -17.37 27.05 12.92
CA GLY A 144 -16.01 27.35 12.52
C GLY A 144 -15.93 28.41 11.45
N GLN A 145 -14.71 28.63 10.99
CA GLN A 145 -14.43 29.62 9.95
C GLN A 145 -14.46 28.93 8.61
N LEU A 146 -15.24 29.47 7.67
CA LEU A 146 -15.30 28.87 6.35
C LEU A 146 -13.97 29.05 5.65
N LEU A 147 -13.35 27.94 5.23
CA LEU A 147 -12.13 27.98 4.45
C LEU A 147 -12.40 27.81 2.96
N GLY A 148 -13.57 27.28 2.60
CA GLY A 148 -13.96 27.29 1.20
C GLY A 148 -15.14 26.42 0.81
N GLN A 149 -15.83 26.81 -0.27
CA GLN A 149 -16.92 26.05 -0.87
C GLN A 149 -16.51 25.55 -2.24
N PHE A 150 -16.78 24.28 -2.54
CA PHE A 150 -16.22 23.63 -3.70
C PHE A 150 -17.19 22.57 -4.23
N THR A 151 -16.93 22.10 -5.45
CA THR A 151 -17.60 20.92 -5.97
C THR A 151 -16.59 19.92 -6.53
N TYR A 152 -16.68 18.66 -6.08
CA TYR A 152 -15.92 17.59 -6.72
C TYR A 152 -16.62 17.24 -8.03
N ASP A 153 -15.86 17.21 -9.11
CA ASP A 153 -16.43 17.12 -10.45
C ASP A 153 -16.31 15.68 -10.90
N GLN A 154 -17.46 15.00 -11.03
CA GLN A 154 -17.43 13.58 -11.37
C GLN A 154 -16.91 13.33 -12.78
N ASP A 155 -16.95 14.34 -13.64
CA ASP A 155 -16.38 14.24 -14.98
C ASP A 155 -14.92 14.70 -15.03
N GLY A 156 -14.31 14.96 -13.88
CA GLY A 156 -12.93 15.43 -13.82
C GLY A 156 -11.96 14.33 -13.47
N GLU A 157 -10.75 14.75 -13.10
CA GLU A 157 -9.69 13.80 -12.79
C GLU A 157 -9.96 13.14 -11.43
N SER A 158 -9.37 11.97 -11.23
CA SER A 158 -9.54 11.25 -9.97
C SER A 158 -9.16 12.14 -8.80
N LEU A 159 -8.02 12.81 -8.90
CA LEU A 159 -7.53 13.69 -7.85
C LEU A 159 -7.85 15.13 -8.19
N GLN A 160 -8.49 15.85 -7.28
CA GLN A 160 -8.83 17.25 -7.53
C GLN A 160 -8.36 18.10 -6.37
N MET A 161 -7.81 19.27 -6.70
CA MET A 161 -7.32 20.23 -5.72
C MET A 161 -8.13 21.51 -5.75
N PHE A 162 -8.26 22.11 -4.56
CA PHE A 162 -9.13 23.25 -4.34
C PHE A 162 -8.38 24.27 -3.48
N GLN A 163 -8.37 25.54 -3.89
CA GLN A 163 -7.64 26.57 -3.16
C GLN A 163 -8.51 27.19 -2.08
N ALA A 164 -7.98 27.29 -0.87
CA ALA A 164 -8.67 27.93 0.24
C ALA A 164 -8.90 29.41 -0.04
N LEU A 165 -9.94 29.96 0.57
CA LEU A 165 -10.22 31.39 0.42
C LEU A 165 -9.05 32.23 0.91
N LYS A 166 -8.78 33.31 0.18
CA LYS A 166 -7.78 34.29 0.57
C LYS A 166 -8.44 35.27 1.51
N ARG A 167 -7.96 35.34 2.74
CA ARG A 167 -8.58 36.18 3.74
C ARG A 167 -7.57 37.23 4.25
N PRO A 168 -8.03 38.43 4.62
CA PRO A 168 -7.07 39.49 5.01
C PRO A 168 -6.05 39.07 6.05
N ASP A 169 -6.48 38.40 7.11
CA ASP A 169 -5.54 37.83 8.05
C ASP A 169 -5.18 36.40 7.64
N ASP A 170 -4.44 35.72 8.53
CA ASP A 170 -4.11 34.30 8.39
C ASP A 170 -4.37 33.70 9.77
N THR A 171 -5.49 33.03 9.94
CA THR A 171 -5.72 32.29 11.17
C THR A 171 -5.26 30.85 10.97
N ALA A 172 -4.59 30.32 12.00
CA ALA A 172 -4.09 28.97 11.95
C ALA A 172 -5.09 27.99 12.56
N PHE A 173 -5.09 26.77 12.05
CA PHE A 173 -5.98 25.74 12.57
C PHE A 173 -5.23 24.43 12.67
N GLN A 174 -5.62 23.62 13.66
CA GLN A 174 -5.19 22.24 13.73
C GLN A 174 -6.37 21.29 13.67
N ILE A 175 -7.58 21.81 13.46
CA ILE A 175 -8.76 20.98 13.28
C ILE A 175 -9.53 21.55 12.09
N VAL A 176 -9.89 20.70 11.15
CA VAL A 176 -10.70 21.15 10.02
C VAL A 176 -11.87 20.19 9.91
N GLU A 177 -13.02 20.75 9.57
CA GLU A 177 -14.22 19.96 9.34
C GLU A 177 -14.54 20.02 7.86
N LEU A 178 -14.69 18.86 7.26
CA LEU A 178 -15.14 18.71 5.89
C LEU A 178 -16.63 18.41 5.94
N ARG A 179 -17.43 19.27 5.35
CA ARG A 179 -18.86 19.06 5.27
C ARG A 179 -19.19 18.70 3.83
N ILE A 180 -19.76 17.52 3.60
CA ILE A 180 -20.24 17.14 2.29
C ILE A 180 -21.73 17.48 2.25
N PHE A 181 -22.11 18.37 1.35
CA PHE A 181 -23.51 18.77 1.26
C PHE A 181 -24.31 17.95 0.26
N SER A 182 -23.67 17.20 -0.61
CA SER A 182 -24.41 16.38 -1.57
C SER A 182 -23.43 15.39 -2.16
N ASN A 183 -23.97 14.32 -2.75
CA ASN A 183 -23.18 13.38 -3.51
C ASN A 183 -23.68 13.36 -4.96
N TRP A 184 -23.13 12.45 -5.75
CA TRP A 184 -23.47 12.38 -7.15
C TRP A 184 -24.64 11.45 -7.42
N GLY A 185 -25.50 11.26 -6.43
CA GLY A 185 -26.80 10.65 -6.66
C GLY A 185 -27.02 9.32 -6.00
N HIS A 186 -26.03 8.70 -5.41
CA HIS A 186 -26.30 7.41 -4.78
C HIS A 186 -27.30 7.58 -3.65
N PRO A 187 -28.37 6.78 -3.62
CA PRO A 187 -29.40 6.98 -2.58
C PRO A 187 -29.00 6.54 -1.17
N GLU A 188 -28.18 5.49 -1.03
CA GLU A 188 -27.89 4.90 0.27
C GLU A 188 -26.73 5.56 1.01
N TYR A 189 -25.65 5.92 0.33
CA TYR A 189 -24.44 6.29 1.04
C TYR A 189 -23.59 7.21 0.19
N THR A 190 -22.58 7.80 0.83
CA THR A 190 -21.55 8.58 0.16
C THR A 190 -20.20 8.03 0.57
N CYS A 191 -19.29 7.92 -0.38
CA CYS A 191 -18.02 7.23 -0.16
C CYS A 191 -16.88 8.20 -0.33
N LEU A 192 -16.07 8.33 0.71
CA LEU A 192 -14.93 9.24 0.69
C LEU A 192 -13.67 8.39 0.65
N TYR A 193 -12.88 8.55 -0.41
CA TYR A 193 -11.63 7.80 -0.47
C TYR A 193 -10.48 8.52 0.23
N ARG A 194 -10.23 9.79 -0.09
CA ARG A 194 -9.13 10.48 0.57
C ARG A 194 -9.34 11.98 0.56
N PHE A 195 -9.03 12.62 1.71
CA PHE A 195 -9.07 14.07 1.87
C PHE A 195 -7.72 14.52 2.41
N ARG A 196 -7.11 15.50 1.76
CA ARG A 196 -5.83 16.02 2.21
C ARG A 196 -5.95 17.49 2.55
N VAL A 197 -5.11 17.94 3.49
CA VAL A 197 -5.05 19.33 3.90
C VAL A 197 -3.64 19.84 3.69
N HIS A 198 -3.49 20.91 2.91
CA HIS A 198 -2.19 21.50 2.62
C HIS A 198 -2.10 22.89 3.20
N GLY A 199 -0.89 23.35 3.47
CA GLY A 199 -0.76 24.68 4.00
C GLY A 199 0.62 24.93 4.54
N GLU A 200 0.75 25.99 5.34
CA GLU A 200 2.03 26.42 5.86
C GLU A 200 2.07 26.27 7.37
N PRO A 201 3.07 25.59 7.93
CA PRO A 201 3.17 25.50 9.39
C PRO A 201 3.43 26.87 10.00
N VAL A 202 3.06 27.01 11.27
CA VAL A 202 3.24 28.28 11.99
C VAL A 202 4.69 28.55 12.40
N THR B 9 10.46 10.13 -33.55
CA THR B 9 10.86 10.00 -32.16
C THR B 9 9.66 9.65 -31.32
N GLU B 10 8.47 9.53 -31.92
CA GLU B 10 7.30 9.29 -31.07
C GLU B 10 7.34 7.88 -30.47
N ALA B 11 7.59 6.87 -31.30
CA ALA B 11 7.74 5.51 -30.77
C ALA B 11 8.88 5.43 -29.78
N GLN B 12 9.98 6.16 -30.05
CA GLN B 12 11.08 6.21 -29.09
C GLN B 12 10.65 6.84 -27.77
N ALA B 13 9.82 7.88 -27.84
CA ALA B 13 9.29 8.48 -26.62
C ALA B 13 8.46 7.47 -25.83
N ARG B 14 7.57 6.75 -26.52
CA ARG B 14 6.80 5.71 -25.83
C ARG B 14 7.73 4.67 -25.20
N ALA B 15 8.79 4.28 -25.91
CA ALA B 15 9.71 3.28 -25.37
C ALA B 15 10.41 3.81 -24.12
N ILE B 16 10.87 5.04 -24.15
CA ILE B 16 11.52 5.61 -22.97
C ILE B 16 10.56 5.65 -21.79
N VAL B 17 9.32 6.07 -22.04
CA VAL B 17 8.36 6.16 -20.95
C VAL B 17 8.04 4.78 -20.39
N ASN B 18 7.81 3.80 -21.27
CA ASN B 18 7.50 2.45 -20.78
C ASN B 18 8.66 1.88 -20.01
N SER B 19 9.88 2.14 -20.47
CA SER B 19 11.05 1.68 -19.75
C SER B 19 11.09 2.29 -18.35
N ALA B 20 10.83 3.60 -18.27
CA ALA B 20 10.86 4.26 -16.97
C ALA B 20 9.78 3.72 -16.05
N LEU B 21 8.57 3.52 -16.57
CA LEU B 21 7.48 2.98 -15.76
C LEU B 21 7.77 1.55 -15.35
N LYS B 22 8.34 0.75 -16.25
CA LYS B 22 8.63 -0.63 -15.90
C LYS B 22 9.61 -0.68 -14.74
N LEU B 23 10.68 0.11 -14.83
CA LEU B 23 11.64 0.17 -13.74
C LEU B 23 10.97 0.67 -12.45
N TYR B 24 10.14 1.70 -12.57
CA TYR B 24 9.46 2.23 -11.40
C TYR B 24 8.64 1.14 -10.72
N SER B 25 7.92 0.34 -11.51
CA SER B 25 7.06 -0.68 -10.93
C SER B 25 7.86 -1.82 -10.32
N GLN B 26 9.13 -1.97 -10.69
CA GLN B 26 9.94 -3.04 -10.13
C GLN B 26 10.69 -2.53 -8.90
N ASP B 27 9.92 -2.07 -7.91
CA ASP B 27 10.45 -1.58 -6.64
C ASP B 27 11.44 -0.44 -6.83
N LYS B 28 11.24 0.35 -7.88
CA LYS B 28 12.05 1.51 -8.25
C LYS B 28 13.47 1.16 -8.68
N THR B 29 13.95 -0.08 -8.48
CA THR B 29 15.35 -0.39 -8.78
C THR B 29 15.55 -1.52 -9.78
N GLY B 30 14.60 -2.44 -9.94
CA GLY B 30 14.87 -3.59 -10.77
C GLY B 30 15.80 -4.61 -10.17
N MET B 31 16.05 -4.54 -8.86
CA MET B 31 17.03 -5.40 -8.20
C MET B 31 16.36 -6.11 -7.03
N VAL B 32 16.74 -7.37 -6.81
CA VAL B 32 16.26 -8.08 -5.65
C VAL B 32 16.67 -7.31 -4.40
N ASP B 33 15.75 -7.21 -3.45
CA ASP B 33 16.05 -6.69 -2.12
C ASP B 33 16.07 -7.90 -1.19
N PHE B 34 17.26 -8.35 -0.83
CA PHE B 34 17.33 -9.53 0.01
C PHE B 34 16.96 -9.24 1.46
N ALA B 35 16.83 -7.97 1.85
CA ALA B 35 16.35 -7.61 3.18
C ALA B 35 14.84 -7.50 3.25
N LEU B 36 14.15 -7.44 2.11
CA LEU B 36 12.71 -7.21 2.15
C LEU B 36 12.04 -8.29 2.99
N GLU B 37 11.23 -7.85 3.97
CA GLU B 37 10.66 -8.79 4.93
C GLU B 37 9.74 -9.80 4.24
N SER B 38 8.82 -9.31 3.39
CA SER B 38 7.85 -10.22 2.78
C SER B 38 8.56 -11.26 1.92
N GLY B 39 9.72 -10.94 1.38
CA GLY B 39 10.48 -11.90 0.60
C GLY B 39 11.41 -12.77 1.43
N GLY B 40 11.47 -12.60 2.74
CA GLY B 40 12.24 -13.54 3.55
C GLY B 40 13.28 -12.88 4.43
N GLY B 41 13.40 -11.58 4.37
CA GLY B 41 14.25 -10.91 5.32
C GLY B 41 13.58 -10.77 6.68
N SER B 42 14.38 -10.60 7.72
CA SER B 42 13.83 -10.37 9.06
C SER B 42 14.73 -9.48 9.89
N ILE B 43 14.12 -8.66 10.75
CA ILE B 43 14.87 -7.91 11.73
C ILE B 43 15.23 -8.84 12.88
N LEU B 44 16.49 -8.80 13.31
CA LEU B 44 16.92 -9.50 14.52
C LEU B 44 16.82 -8.51 15.68
N SER B 45 15.60 -8.41 16.22
CA SER B 45 15.25 -7.29 17.10
C SER B 45 16.03 -7.26 18.40
N THR B 46 16.55 -8.40 18.86
CA THR B 46 17.33 -8.35 20.07
C THR B 46 18.73 -7.80 19.87
N ARG B 47 19.10 -7.49 18.62
CA ARG B 47 20.42 -6.95 18.34
C ARG B 47 20.38 -5.52 17.81
N CYS B 48 19.19 -4.94 17.70
CA CYS B 48 18.98 -3.59 17.18
C CYS B 48 18.99 -2.59 18.32
N SER B 49 19.23 -1.33 17.97
CA SER B 49 19.15 -0.31 18.99
C SER B 49 17.74 -0.24 19.55
N GLU B 50 17.63 0.34 20.72
CA GLU B 50 16.33 0.41 21.37
C GLU B 50 15.47 1.42 20.62
N THR B 51 14.20 1.07 20.42
CA THR B 51 13.29 1.95 19.72
C THR B 51 13.09 3.23 20.53
N TYR B 52 12.93 4.34 19.82
CA TYR B 52 12.75 5.64 20.45
C TYR B 52 11.46 5.69 21.26
N GLU B 53 11.57 6.26 22.45
CA GLU B 53 10.51 6.35 23.42
C GLU B 53 9.77 7.67 23.24
N THR B 54 8.51 7.59 22.84
CA THR B 54 7.66 8.76 22.72
C THR B 54 7.24 9.27 24.10
N LYS B 55 6.83 10.54 24.13
CA LYS B 55 6.43 11.15 25.39
C LYS B 55 5.24 10.45 26.03
N THR B 56 4.26 10.05 25.23
CA THR B 56 3.04 9.41 25.75
C THR B 56 2.99 7.97 25.30
N ALA B 57 2.15 7.18 25.97
CA ALA B 57 2.00 5.77 25.68
C ALA B 57 0.77 5.48 24.85
N LEU B 58 0.70 4.24 24.34
CA LEU B 58 -0.40 3.86 23.46
C LEU B 58 -1.61 3.40 24.24
N MET B 59 -1.42 2.79 25.41
CA MET B 59 -2.58 2.45 26.23
C MET B 59 -2.19 2.51 27.70
N SER B 60 -3.13 2.13 28.56
CA SER B 60 -2.83 1.93 29.97
C SER B 60 -3.48 0.61 30.37
N LEU B 61 -2.94 0.00 31.41
CA LEU B 61 -3.52 -1.20 31.99
C LEU B 61 -3.33 -1.15 33.48
N PHE B 62 -4.43 -1.32 34.22
CA PHE B 62 -4.43 -1.25 35.68
C PHE B 62 -3.81 0.06 36.18
N GLY B 63 -3.99 1.15 35.42
CA GLY B 63 -3.44 2.45 35.74
C GLY B 63 -2.00 2.72 35.30
N ILE B 64 -1.30 1.73 34.76
CA ILE B 64 0.08 1.88 34.30
C ILE B 64 0.08 2.16 32.80
N PRO B 65 0.62 3.28 32.35
CA PRO B 65 0.76 3.51 30.90
C PRO B 65 1.73 2.52 30.25
N LEU B 66 1.35 1.97 29.08
CA LEU B 66 2.12 0.97 28.34
C LEU B 66 2.33 1.37 26.89
N TRP B 67 3.46 0.88 26.33
CA TRP B 67 3.85 1.07 24.92
C TRP B 67 4.18 2.51 24.52
N TYR B 68 5.40 2.94 24.82
CA TYR B 68 5.83 4.31 24.50
C TYR B 68 6.59 4.33 23.18
N PHE B 69 5.96 3.91 22.09
CA PHE B 69 6.71 3.83 20.84
C PHE B 69 5.77 4.11 19.68
N SER B 70 6.35 4.43 18.52
CA SER B 70 5.59 4.65 17.30
C SER B 70 5.63 3.45 16.36
N GLN B 71 6.81 3.08 15.86
CA GLN B 71 6.93 2.00 14.88
C GLN B 71 8.05 1.05 15.31
N SER B 72 7.86 -0.23 15.02
CA SER B 72 8.90 -1.18 15.30
C SER B 72 9.91 -1.17 14.16
N PRO B 73 11.10 -1.73 14.36
CA PRO B 73 12.09 -1.73 13.28
C PRO B 73 11.67 -2.51 12.06
N ARG B 74 10.60 -3.29 12.15
CA ARG B 74 10.16 -4.03 10.98
C ARG B 74 9.88 -3.11 9.81
N VAL B 75 9.42 -1.89 10.07
CA VAL B 75 9.05 -1.00 8.97
C VAL B 75 10.26 -0.69 8.09
N VAL B 76 11.48 -0.86 8.61
CA VAL B 76 12.65 -0.57 7.80
C VAL B 76 12.78 -1.53 6.61
N ILE B 77 12.13 -2.70 6.67
CA ILE B 77 12.25 -3.66 5.58
C ILE B 77 10.86 -3.92 5.01
N GLN B 78 10.03 -2.89 5.03
CA GLN B 78 8.74 -2.88 4.38
C GLN B 78 8.69 -1.67 3.46
N PRO B 79 7.97 -1.75 2.33
CA PRO B 79 8.14 -0.74 1.25
C PRO B 79 7.42 0.59 1.44
N ASP B 80 6.38 0.68 2.26
CA ASP B 80 5.64 1.93 2.42
C ASP B 80 6.56 3.03 2.97
N ILE B 81 6.62 4.18 2.30
CA ILE B 81 7.40 5.28 2.85
C ILE B 81 6.61 6.57 2.95
N TYR B 82 5.33 6.49 3.24
CA TYR B 82 4.60 7.70 3.62
C TYR B 82 5.16 8.25 4.94
N PRO B 83 5.14 9.56 5.13
CA PRO B 83 5.75 10.14 6.34
C PRO B 83 5.22 9.46 7.60
N GLY B 84 6.15 9.09 8.48
CA GLY B 84 5.81 8.45 9.74
C GLY B 84 5.96 6.94 9.73
N ASN B 85 6.01 6.30 8.57
CA ASN B 85 6.21 4.86 8.53
C ASN B 85 7.72 4.57 8.50
N CYS B 86 8.38 5.02 9.55
CA CYS B 86 9.80 4.83 9.72
C CYS B 86 10.08 4.39 11.15
N TRP B 87 11.23 3.77 11.35
CA TRP B 87 11.67 3.33 12.67
C TRP B 87 12.54 4.42 13.27
N ALA B 88 12.15 4.90 14.43
CA ALA B 88 12.88 5.95 15.13
C ALA B 88 13.71 5.33 16.24
N PHE B 89 15.00 5.63 16.25
CA PHE B 89 15.84 5.31 17.40
C PHE B 89 16.33 6.58 18.09
N LYS B 90 16.76 6.41 19.33
CA LYS B 90 17.11 7.53 20.20
C LYS B 90 18.40 8.22 19.76
N GLY B 91 18.37 9.55 19.69
CA GLY B 91 19.63 10.23 19.39
C GLY B 91 20.02 10.11 17.93
N SER B 92 21.32 10.27 17.67
CA SER B 92 21.85 10.28 16.31
C SER B 92 22.77 9.12 16.00
N GLN B 93 22.87 8.11 16.87
CA GLN B 93 23.65 6.92 16.58
C GLN B 93 22.84 5.68 16.90
N GLY B 94 22.96 4.66 16.06
CA GLY B 94 22.22 3.44 16.29
C GLY B 94 22.57 2.38 15.28
N TYR B 95 21.88 1.25 15.38
CA TYR B 95 22.21 0.13 14.52
C TYR B 95 20.99 -0.78 14.35
N LEU B 96 20.97 -1.48 13.22
CA LEU B 96 19.87 -2.36 12.86
C LEU B 96 20.51 -3.63 12.30
N VAL B 97 20.08 -4.80 12.77
CA VAL B 97 20.61 -6.07 12.30
C VAL B 97 19.52 -6.81 11.54
N VAL B 98 19.86 -7.26 10.33
CA VAL B 98 18.90 -7.82 9.38
C VAL B 98 19.42 -9.16 8.89
N ARG B 99 18.55 -10.16 8.90
CA ARG B 99 18.86 -11.46 8.31
C ARG B 99 18.27 -11.48 6.91
N LEU B 100 19.08 -11.79 5.91
CA LEU B 100 18.64 -11.69 4.52
C LEU B 100 17.90 -12.96 4.12
N SER B 101 17.17 -12.88 3.00
CA SER B 101 16.41 -14.05 2.58
C SER B 101 17.29 -15.15 2.00
N MET B 102 18.54 -14.84 1.66
CA MET B 102 19.47 -15.84 1.16
C MET B 102 20.88 -15.43 1.56
N MET B 103 21.78 -16.39 1.46
CA MET B 103 23.21 -16.15 1.58
C MET B 103 23.70 -15.51 0.28
N ILE B 104 24.25 -14.29 0.36
CA ILE B 104 24.64 -13.55 -0.84
C ILE B 104 26.03 -12.95 -0.66
N HIS B 105 26.65 -12.62 -1.80
CA HIS B 105 27.75 -11.67 -1.82
C HIS B 105 27.13 -10.29 -2.01
N PRO B 106 27.21 -9.39 -1.03
CA PRO B 106 26.54 -8.10 -1.14
C PRO B 106 27.26 -7.20 -2.14
N ALA B 107 26.47 -6.57 -3.02
CA ALA B 107 26.97 -5.68 -4.05
C ALA B 107 26.61 -4.22 -3.82
N ALA B 108 25.43 -3.93 -3.26
CA ALA B 108 25.00 -2.56 -3.11
C ALA B 108 23.92 -2.48 -2.04
N PHE B 109 23.68 -1.27 -1.56
CA PHE B 109 22.67 -1.01 -0.56
C PHE B 109 21.84 0.19 -0.97
N THR B 110 20.60 0.23 -0.51
CA THR B 110 19.73 1.38 -0.76
C THR B 110 19.23 1.92 0.56
N LEU B 111 19.21 3.24 0.69
CA LEU B 111 18.53 3.93 1.77
C LEU B 111 17.53 4.89 1.17
N GLU B 112 16.31 4.86 1.68
CA GLU B 112 15.29 5.83 1.31
C GLU B 112 14.90 6.64 2.53
N HIS B 113 14.58 7.90 2.29
CA HIS B 113 13.97 8.78 3.26
C HIS B 113 12.92 9.60 2.52
N ILE B 114 12.02 10.24 3.27
CA ILE B 114 11.02 11.06 2.59
C ILE B 114 11.72 12.28 1.99
N PRO B 115 11.17 12.85 0.93
CA PRO B 115 11.67 14.11 0.42
C PRO B 115 11.33 15.25 1.35
N LYS B 116 12.15 16.31 1.29
CA LYS B 116 11.89 17.49 2.11
C LYS B 116 10.49 18.05 1.85
N THR B 117 10.00 17.94 0.61
CA THR B 117 8.70 18.49 0.26
C THR B 117 7.53 17.78 0.94
N LEU B 118 7.72 16.59 1.48
CA LEU B 118 6.65 15.89 2.16
C LEU B 118 6.76 15.94 3.67
N SER B 119 7.76 16.61 4.20
CA SER B 119 7.98 16.59 5.64
C SER B 119 7.11 17.62 6.33
N PRO B 120 6.29 17.22 7.32
CA PRO B 120 5.45 18.21 7.99
C PRO B 120 6.25 19.33 8.61
N THR B 121 7.42 19.00 9.15
CA THR B 121 8.26 19.97 9.84
C THR B 121 8.99 20.90 8.89
N GLY B 122 8.93 20.66 7.59
CA GLY B 122 9.69 21.41 6.63
C GLY B 122 11.09 20.90 6.36
N ASN B 123 11.63 20.01 7.22
CA ASN B 123 13.00 19.54 7.10
C ASN B 123 13.05 18.03 7.23
N ILE B 124 14.20 17.44 6.91
CA ILE B 124 14.40 16.02 7.14
C ILE B 124 15.62 15.82 8.03
N SER B 125 15.80 16.70 9.02
CA SER B 125 16.94 16.62 9.92
C SER B 125 17.03 15.30 10.66
N SER B 126 15.97 14.49 10.67
CA SER B 126 15.98 13.18 11.30
C SER B 126 16.49 12.08 10.38
N ALA B 127 16.85 12.40 9.14
CA ALA B 127 17.33 11.37 8.24
C ALA B 127 18.73 10.93 8.65
N PRO B 128 19.10 9.67 8.38
CA PRO B 128 20.48 9.24 8.66
C PRO B 128 21.45 10.04 7.82
N LYS B 129 22.63 10.28 8.35
CA LYS B 129 23.62 10.95 7.52
C LYS B 129 24.81 10.05 7.21
N ASP B 130 25.71 9.84 8.16
CA ASP B 130 26.89 9.00 7.94
C ASP B 130 26.57 7.60 8.44
N PHE B 131 26.90 6.60 7.64
CA PHE B 131 26.57 5.26 8.06
C PHE B 131 27.56 4.27 7.46
N ALA B 132 27.49 3.04 7.95
CA ALA B 132 28.35 1.97 7.50
C ALA B 132 27.54 0.68 7.48
N VAL B 133 27.97 -0.25 6.65
CA VAL B 133 27.34 -1.57 6.55
C VAL B 133 28.39 -2.64 6.76
N TYR B 134 28.06 -3.61 7.61
CA TYR B 134 28.92 -4.72 7.98
C TYR B 134 28.22 -6.04 7.67
N GLY B 135 28.99 -7.05 7.29
CA GLY B 135 28.47 -8.39 7.14
C GLY B 135 28.82 -9.22 8.36
N LEU B 136 27.85 -9.97 8.88
CA LEU B 136 28.07 -10.80 10.05
C LEU B 136 27.92 -12.29 9.71
N GLU B 137 28.85 -13.09 10.22
CA GLU B 137 28.80 -14.53 10.01
C GLU B 137 27.85 -15.20 10.99
N ASN B 138 27.52 -14.52 12.08
CA ASN B 138 26.59 -14.99 13.09
C ASN B 138 26.02 -13.74 13.75
N GLU B 139 24.77 -13.81 14.24
CA GLU B 139 24.20 -12.54 14.68
C GLU B 139 24.79 -12.06 15.98
N TYR B 140 25.48 -12.92 16.71
CA TYR B 140 26.15 -12.58 17.96
C TYR B 140 27.61 -12.27 17.76
N GLN B 141 28.04 -12.19 16.52
CA GLN B 141 29.41 -11.84 16.24
C GLN B 141 29.60 -10.40 16.68
N GLU B 142 30.68 -10.15 17.41
CA GLU B 142 30.81 -8.84 18.04
C GLU B 142 31.25 -7.79 17.03
N GLU B 143 32.30 -8.09 16.28
CA GLU B 143 32.85 -7.19 15.26
C GLU B 143 32.52 -7.75 13.89
N GLY B 144 31.76 -7.00 13.09
CA GLY B 144 31.45 -7.43 11.75
C GLY B 144 32.54 -7.05 10.75
N GLN B 145 32.34 -7.45 9.51
CA GLN B 145 33.25 -7.12 8.42
C GLN B 145 32.70 -5.92 7.67
N LEU B 146 33.53 -4.90 7.50
CA LEU B 146 33.06 -3.67 6.87
C LEU B 146 32.76 -3.89 5.39
N LEU B 147 31.53 -3.60 5.00
CA LEU B 147 31.13 -3.61 3.60
C LEU B 147 31.08 -2.21 3.01
N GLY B 148 31.02 -1.19 3.86
CA GLY B 148 31.15 0.14 3.31
C GLY B 148 30.83 1.29 4.25
N GLN B 149 31.41 2.46 3.96
CA GLN B 149 31.13 3.71 4.64
C GLN B 149 30.54 4.69 3.65
N PHE B 150 29.46 5.36 4.04
CA PHE B 150 28.64 6.12 3.11
C PHE B 150 28.05 7.32 3.84
N THR B 151 27.50 8.26 3.07
CA THR B 151 26.71 9.36 3.60
C THR B 151 25.40 9.48 2.83
N TYR B 152 24.28 9.50 3.54
CA TYR B 152 23.00 9.83 2.91
C TYR B 152 22.90 11.34 2.75
N ASP B 153 22.57 11.79 1.54
CA ASP B 153 22.69 13.20 1.17
C ASP B 153 21.31 13.86 1.21
N GLN B 154 21.12 14.76 2.18
CA GLN B 154 19.80 15.38 2.33
C GLN B 154 19.46 16.29 1.15
N ASP B 155 20.44 16.72 0.37
CA ASP B 155 20.17 17.47 -0.83
C ASP B 155 20.03 16.59 -2.06
N GLY B 156 20.06 15.27 -1.89
CA GLY B 156 19.95 14.34 -3.00
C GLY B 156 18.55 13.78 -3.14
N GLU B 157 18.46 12.71 -3.91
CA GLU B 157 17.17 12.09 -4.16
C GLU B 157 16.69 11.31 -2.95
N SER B 158 15.38 11.06 -2.90
CA SER B 158 14.80 10.32 -1.79
C SER B 158 15.45 8.95 -1.67
N LEU B 159 15.62 8.25 -2.79
CA LEU B 159 16.21 6.93 -2.83
C LEU B 159 17.66 7.05 -3.25
N GLN B 160 18.57 6.51 -2.44
CA GLN B 160 19.99 6.58 -2.75
C GLN B 160 20.60 5.20 -2.66
N MET B 161 21.48 4.91 -3.61
CA MET B 161 22.14 3.63 -3.71
C MET B 161 23.63 3.80 -3.48
N PHE B 162 24.23 2.79 -2.86
CA PHE B 162 25.61 2.84 -2.41
C PHE B 162 26.29 1.54 -2.77
N GLN B 163 27.50 1.63 -3.34
CA GLN B 163 28.22 0.47 -3.84
C GLN B 163 29.06 -0.15 -2.74
N ALA B 164 28.90 -1.46 -2.55
CA ALA B 164 29.67 -2.19 -1.55
C ALA B 164 31.15 -2.19 -1.91
N LEU B 165 32.00 -2.34 -0.90
CA LEU B 165 33.44 -2.41 -1.18
C LEU B 165 33.75 -3.62 -2.04
N LYS B 166 34.69 -3.40 -2.96
CA LYS B 166 35.16 -4.45 -3.86
C LYS B 166 36.20 -5.27 -3.10
N ARG B 167 35.88 -6.54 -2.87
CA ARG B 167 36.60 -7.55 -2.10
C ARG B 167 37.53 -8.38 -2.99
N PRO B 168 38.74 -8.68 -2.51
CA PRO B 168 39.60 -9.59 -3.29
C PRO B 168 39.02 -10.97 -3.46
N ASP B 169 38.65 -11.61 -2.35
CA ASP B 169 37.95 -12.88 -2.35
C ASP B 169 36.46 -12.61 -2.37
N ASP B 170 35.64 -13.63 -2.10
CA ASP B 170 34.20 -13.46 -1.93
C ASP B 170 33.73 -14.23 -0.71
N THR B 171 33.52 -13.51 0.40
CA THR B 171 32.82 -14.09 1.53
C THR B 171 31.34 -13.72 1.44
N ALA B 172 30.49 -14.71 1.66
CA ALA B 172 29.05 -14.49 1.61
C ALA B 172 28.50 -14.21 3.00
N PHE B 173 27.42 -13.45 3.04
CA PHE B 173 26.76 -13.10 4.29
C PHE B 173 25.26 -13.29 4.14
N GLN B 174 24.63 -13.68 5.24
CA GLN B 174 23.18 -13.67 5.32
C GLN B 174 22.69 -12.77 6.46
N ILE B 175 23.60 -12.06 7.12
CA ILE B 175 23.26 -11.10 8.16
C ILE B 175 24.06 -9.84 7.91
N VAL B 176 23.40 -8.69 7.99
CA VAL B 176 24.10 -7.42 7.82
C VAL B 176 23.70 -6.49 8.96
N GLU B 177 24.67 -5.69 9.38
CA GLU B 177 24.44 -4.64 10.37
C GLU B 177 24.59 -3.27 9.71
N LEU B 178 23.57 -2.45 9.85
CA LEU B 178 23.61 -1.05 9.44
C LEU B 178 23.90 -0.23 10.70
N ARG B 179 25.01 0.49 10.72
CA ARG B 179 25.32 1.41 11.80
C ARG B 179 25.18 2.83 11.29
N ILE B 180 24.35 3.62 11.97
CA ILE B 180 24.22 5.05 11.72
C ILE B 180 25.07 5.78 12.74
N PHE B 181 26.01 6.58 12.26
CA PHE B 181 26.88 7.38 13.11
C PHE B 181 26.38 8.80 13.30
N SER B 182 25.46 9.26 12.47
CA SER B 182 25.01 10.65 12.55
C SER B 182 23.71 10.81 11.78
N ASN B 183 23.01 11.90 12.09
CA ASN B 183 21.81 12.28 11.37
C ASN B 183 21.99 13.69 10.82
N TRP B 184 20.92 14.23 10.23
CA TRP B 184 21.00 15.53 9.61
C TRP B 184 20.59 16.64 10.55
N GLY B 185 20.70 16.41 11.85
CA GLY B 185 20.63 17.46 12.85
C GLY B 185 19.53 17.32 13.88
N HIS B 186 18.57 16.42 13.73
CA HIS B 186 17.53 16.30 14.75
C HIS B 186 18.13 15.82 16.07
N PRO B 187 17.91 16.55 17.16
CA PRO B 187 18.52 16.15 18.43
C PRO B 187 17.87 14.93 19.08
N GLU B 188 16.55 14.74 18.92
CA GLU B 188 15.88 13.72 19.73
C GLU B 188 16.07 12.31 19.17
N TYR B 189 15.99 12.14 17.85
CA TYR B 189 15.89 10.81 17.28
C TYR B 189 16.40 10.82 15.84
N THR B 190 16.51 9.61 15.29
CA THR B 190 16.77 9.37 13.87
C THR B 190 15.70 8.43 13.33
N CYS B 191 15.18 8.70 12.15
CA CYS B 191 14.08 7.92 11.58
C CYS B 191 14.56 7.26 10.29
N LEU B 192 14.44 5.93 10.24
CA LEU B 192 14.84 5.13 9.09
C LEU B 192 13.60 4.64 8.36
N TYR B 193 13.45 5.05 7.09
CA TYR B 193 12.30 4.60 6.34
C TYR B 193 12.55 3.23 5.70
N ARG B 194 13.62 3.07 4.93
CA ARG B 194 13.85 1.77 4.28
C ARG B 194 15.32 1.57 3.96
N PHE B 195 15.78 0.35 4.21
CA PHE B 195 17.13 -0.10 3.89
C PHE B 195 17.04 -1.37 3.07
N ARG B 196 17.73 -1.41 1.93
CA ARG B 196 17.70 -2.57 1.05
C ARG B 196 19.09 -3.14 0.89
N VAL B 197 19.18 -4.45 0.69
CA VAL B 197 20.44 -5.13 0.44
C VAL B 197 20.36 -5.85 -0.90
N HIS B 198 21.29 -5.53 -1.80
CA HIS B 198 21.36 -6.10 -3.13
C HIS B 198 22.67 -6.88 -3.29
N GLY B 199 22.67 -7.85 -4.18
CA GLY B 199 23.89 -8.63 -4.42
C GLY B 199 23.57 -9.91 -5.19
N GLU B 200 24.54 -10.83 -5.19
CA GLU B 200 24.36 -12.09 -5.94
C GLU B 200 24.30 -13.27 -4.99
N PRO B 201 23.24 -14.09 -5.07
CA PRO B 201 23.14 -15.27 -4.18
C PRO B 201 24.18 -16.33 -4.51
N VAL B 202 24.58 -17.09 -3.49
CA VAL B 202 25.60 -18.13 -3.70
C VAL B 202 25.01 -19.38 -4.35
N THR C 9 7.17 18.53 -30.71
CA THR C 9 6.84 17.27 -30.09
C THR C 9 6.85 17.38 -28.56
N GLU C 10 7.13 18.56 -27.98
CA GLU C 10 7.23 18.63 -26.53
C GLU C 10 5.88 18.48 -25.84
N ALA C 11 4.88 19.25 -26.27
CA ALA C 11 3.56 19.11 -25.68
C ALA C 11 3.05 17.69 -25.87
N GLN C 12 3.34 17.11 -27.04
CA GLN C 12 2.99 15.72 -27.30
C GLN C 12 3.73 14.78 -26.37
N ALA C 13 4.99 15.07 -26.06
CA ALA C 13 5.74 14.25 -25.12
C ALA C 13 5.07 14.27 -23.75
N ARG C 14 4.72 15.46 -23.27
CA ARG C 14 4.04 15.57 -22.00
C ARG C 14 2.72 14.80 -22.02
N ALA C 15 1.97 14.88 -23.12
CA ALA C 15 0.71 14.14 -23.22
C ALA C 15 0.95 12.64 -23.16
N ILE C 16 1.96 12.15 -23.87
CA ILE C 16 2.27 10.72 -23.83
C ILE C 16 2.62 10.29 -22.41
N VAL C 17 3.44 11.11 -21.73
CA VAL C 17 3.85 10.77 -20.37
C VAL C 17 2.65 10.73 -19.45
N ASN C 18 1.80 11.76 -19.53
CA ASN C 18 0.64 11.83 -18.66
C ASN C 18 -0.33 10.69 -18.94
N SER C 19 -0.53 10.36 -20.21
CA SER C 19 -1.39 9.23 -20.54
C SER C 19 -0.86 7.93 -19.94
N ALA C 20 0.47 7.71 -20.04
CA ALA C 20 1.06 6.50 -19.47
C ALA C 20 0.93 6.45 -17.96
N LEU C 21 1.23 7.57 -17.28
CA LEU C 21 1.11 7.58 -15.83
C LEU C 21 -0.34 7.38 -15.40
N LYS C 22 -1.29 7.99 -16.11
CA LYS C 22 -2.68 7.84 -15.74
C LYS C 22 -3.12 6.39 -15.85
N LEU C 23 -2.76 5.73 -16.96
CA LEU C 23 -3.07 4.31 -17.09
C LEU C 23 -2.41 3.51 -15.97
N TYR C 24 -1.14 3.81 -15.68
CA TYR C 24 -0.44 3.09 -14.61
C TYR C 24 -1.17 3.21 -13.29
N SER C 25 -1.65 4.40 -12.96
CA SER C 25 -2.30 4.61 -11.67
C SER C 25 -3.65 3.93 -11.59
N GLN C 26 -4.25 3.57 -12.73
CA GLN C 26 -5.54 2.90 -12.73
C GLN C 26 -5.33 1.39 -12.74
N ASP C 27 -4.70 0.90 -11.67
CA ASP C 27 -4.45 -0.53 -11.50
C ASP C 27 -3.71 -1.11 -12.68
N LYS C 28 -2.90 -0.29 -13.35
CA LYS C 28 -2.05 -0.62 -14.51
C LYS C 28 -2.84 -1.00 -15.77
N THR C 29 -4.16 -1.16 -15.67
CA THR C 29 -4.93 -1.60 -16.82
C THR C 29 -6.04 -0.66 -17.24
N GLY C 30 -6.54 0.19 -16.35
CA GLY C 30 -7.67 1.01 -16.72
C GLY C 30 -8.98 0.26 -16.81
N MET C 31 -9.06 -0.94 -16.24
CA MET C 31 -10.23 -1.80 -16.38
C MET C 31 -10.69 -2.22 -15.00
N VAL C 32 -12.01 -2.30 -14.82
CA VAL C 32 -12.56 -2.85 -13.59
C VAL C 32 -12.03 -4.27 -13.41
N ASP C 33 -11.68 -4.59 -12.18
CA ASP C 33 -11.32 -5.96 -11.79
C ASP C 33 -12.48 -6.44 -10.94
N PHE C 34 -13.34 -7.28 -11.53
CA PHE C 34 -14.53 -7.72 -10.81
C PHE C 34 -14.22 -8.78 -9.75
N ALA C 35 -13.01 -9.33 -9.74
CA ALA C 35 -12.62 -10.25 -8.68
C ALA C 35 -12.02 -9.55 -7.47
N LEU C 36 -11.64 -8.28 -7.59
CA LEU C 36 -10.95 -7.57 -6.52
C LEU C 36 -11.76 -7.61 -5.23
N GLU C 37 -11.12 -8.01 -4.13
CA GLU C 37 -11.87 -8.21 -2.89
C GLU C 37 -12.45 -6.91 -2.38
N SER C 38 -11.65 -5.85 -2.36
CA SER C 38 -12.12 -4.61 -1.76
C SER C 38 -13.33 -4.08 -2.51
N GLY C 39 -13.42 -4.37 -3.80
CA GLY C 39 -14.57 -3.95 -4.57
C GLY C 39 -15.75 -4.88 -4.56
N GLY C 40 -15.65 -6.04 -3.89
CA GLY C 40 -16.80 -6.91 -3.77
C GLY C 40 -16.57 -8.33 -4.21
N GLY C 41 -15.34 -8.67 -4.63
CA GLY C 41 -15.03 -10.05 -4.92
C GLY C 41 -14.84 -10.83 -3.64
N SER C 42 -15.03 -12.15 -3.71
CA SER C 42 -14.81 -13.01 -2.55
C SER C 42 -14.25 -14.33 -2.98
N ILE C 43 -13.36 -14.86 -2.19
CA ILE C 43 -12.88 -16.22 -2.38
C ILE C 43 -13.94 -17.17 -1.84
N LEU C 44 -14.24 -18.23 -2.60
CA LEU C 44 -15.02 -19.32 -2.02
C LEU C 44 -14.01 -20.30 -1.45
N SER C 45 -13.58 -20.01 -0.22
CA SER C 45 -12.45 -20.72 0.38
C SER C 45 -12.73 -22.21 0.59
N THR C 46 -14.00 -22.63 0.61
CA THR C 46 -14.26 -24.05 0.66
C THR C 46 -14.03 -24.73 -0.67
N ARG C 47 -13.78 -23.97 -1.72
CA ARG C 47 -13.51 -24.53 -3.05
C ARG C 47 -12.17 -24.06 -3.58
N CYS C 48 -11.16 -24.04 -2.71
CA CYS C 48 -9.77 -23.81 -3.10
C CYS C 48 -8.96 -25.05 -2.78
N SER C 49 -7.86 -25.27 -3.52
CA SER C 49 -6.96 -26.36 -3.19
C SER C 49 -6.14 -26.02 -1.93
N GLU C 50 -5.36 -27.00 -1.47
CA GLU C 50 -4.65 -26.91 -0.19
C GLU C 50 -3.58 -25.83 -0.16
N THR C 51 -3.60 -25.02 0.90
CA THR C 51 -2.53 -24.06 1.12
C THR C 51 -1.26 -24.77 1.56
N TYR C 52 -0.12 -24.38 0.98
CA TYR C 52 1.17 -24.90 1.40
C TYR C 52 1.62 -24.15 2.65
N GLU C 53 2.11 -24.87 3.65
CA GLU C 53 2.43 -24.24 4.94
C GLU C 53 3.85 -23.71 4.87
N THR C 54 3.97 -22.46 4.39
CA THR C 54 5.24 -21.74 4.33
C THR C 54 5.59 -21.13 5.68
N LYS C 55 4.59 -20.59 6.38
CA LYS C 55 4.78 -19.98 7.70
C LYS C 55 5.91 -18.94 7.65
N THR C 56 5.89 -18.11 6.61
CA THR C 56 6.91 -17.11 6.34
C THR C 56 6.40 -15.69 6.56
N ALA C 57 5.17 -15.53 7.05
CA ALA C 57 4.62 -14.22 7.37
C ALA C 57 4.64 -14.03 8.88
N LEU C 58 5.22 -12.93 9.36
CA LEU C 58 5.30 -12.66 10.79
C LEU C 58 4.09 -11.84 11.24
N MET C 59 3.54 -12.19 12.40
CA MET C 59 2.45 -11.44 13.00
C MET C 59 2.95 -10.91 14.33
N SER C 60 2.77 -9.60 14.51
CA SER C 60 3.12 -8.85 15.72
C SER C 60 1.95 -7.97 16.13
N LEU C 61 1.98 -7.58 17.39
CA LEU C 61 1.09 -6.54 17.89
C LEU C 61 1.92 -5.70 18.83
N PHE C 62 1.77 -4.37 18.71
CA PHE C 62 2.52 -3.42 19.55
C PHE C 62 4.02 -3.66 19.43
N GLY C 63 4.46 -4.04 18.25
CA GLY C 63 5.87 -4.25 18.03
C GLY C 63 6.38 -5.57 18.54
N ILE C 64 5.55 -6.34 19.26
CA ILE C 64 5.96 -7.61 19.84
C ILE C 64 5.71 -8.68 18.79
N PRO C 65 6.74 -9.37 18.29
CA PRO C 65 6.49 -10.48 17.35
C PRO C 65 5.80 -11.62 18.08
N LEU C 66 4.80 -12.21 17.43
CA LEU C 66 3.99 -13.23 18.07
C LEU C 66 4.12 -14.57 17.36
N TRP C 67 3.85 -14.66 16.06
CA TRP C 67 3.98 -15.97 15.41
C TRP C 67 3.95 -15.86 13.90
N TYR C 68 4.42 -16.93 13.26
CA TYR C 68 4.48 -17.05 11.81
C TYR C 68 3.30 -17.83 11.23
N PHE C 69 2.72 -17.29 10.16
CA PHE C 69 1.56 -17.80 9.45
C PHE C 69 1.81 -17.84 7.93
N SER C 70 0.90 -18.50 7.20
CA SER C 70 0.96 -18.62 5.75
C SER C 70 -0.18 -17.83 5.11
N GLN C 71 0.06 -17.35 3.89
CA GLN C 71 -0.88 -16.45 3.24
C GLN C 71 -2.08 -17.24 2.77
N SER C 72 -3.25 -16.66 2.93
CA SER C 72 -4.50 -17.30 2.53
C SER C 72 -4.76 -17.01 1.07
N PRO C 73 -5.71 -17.72 0.44
CA PRO C 73 -6.02 -17.42 -0.96
C PRO C 73 -6.60 -16.04 -1.16
N ARG C 74 -6.99 -15.35 -0.09
CA ARG C 74 -7.51 -14.00 -0.26
C ARG C 74 -6.48 -13.10 -0.94
N VAL C 75 -5.18 -13.35 -0.74
CA VAL C 75 -4.19 -12.47 -1.34
C VAL C 75 -4.26 -12.53 -2.86
N VAL C 76 -4.85 -13.57 -3.43
CA VAL C 76 -4.92 -13.61 -4.89
C VAL C 76 -5.76 -12.49 -5.44
N ILE C 77 -6.65 -11.90 -4.63
CA ILE C 77 -7.51 -10.83 -5.10
C ILE C 77 -7.26 -9.56 -4.30
N GLN C 78 -6.02 -9.36 -3.87
CA GLN C 78 -5.60 -8.14 -3.24
C GLN C 78 -4.39 -7.61 -4.01
N PRO C 79 -4.18 -6.29 -4.04
CA PRO C 79 -3.26 -5.74 -5.06
C PRO C 79 -1.76 -5.80 -4.76
N ASP C 80 -1.31 -5.89 -3.52
CA ASP C 80 0.13 -5.83 -3.25
C ASP C 80 0.86 -6.99 -3.93
N ILE C 81 1.92 -6.70 -4.71
CA ILE C 81 2.69 -7.78 -5.31
C ILE C 81 4.19 -7.71 -5.01
N TYR C 82 4.56 -7.27 -3.82
CA TYR C 82 5.94 -7.46 -3.44
C TYR C 82 6.24 -8.95 -3.27
N PRO C 83 7.48 -9.37 -3.51
CA PRO C 83 7.82 -10.79 -3.41
C PRO C 83 7.38 -11.39 -2.08
N GLY C 84 6.69 -12.54 -2.15
CA GLY C 84 6.20 -13.21 -0.97
C GLY C 84 4.73 -12.96 -0.68
N ASN C 85 4.14 -11.91 -1.23
CA ASN C 85 2.73 -11.64 -0.98
C ASN C 85 1.87 -12.42 -1.99
N CYS C 86 1.98 -13.74 -1.92
CA CYS C 86 1.26 -14.60 -2.84
C CYS C 86 0.68 -15.77 -2.06
N TRP C 87 -0.30 -16.43 -2.66
CA TRP C 87 -0.87 -17.63 -2.08
C TRP C 87 -0.13 -18.83 -2.62
N ALA C 88 0.46 -19.62 -1.74
CA ALA C 88 1.17 -20.81 -2.16
C ALA C 88 0.24 -21.98 -1.95
N PHE C 89 -0.08 -22.69 -3.04
CA PHE C 89 -0.81 -23.93 -2.87
C PHE C 89 0.13 -25.10 -3.11
N LYS C 90 -0.28 -26.23 -2.56
CA LYS C 90 0.58 -27.40 -2.49
C LYS C 90 0.76 -28.00 -3.89
N GLY C 91 2.00 -28.33 -4.25
CA GLY C 91 2.26 -29.01 -5.51
C GLY C 91 2.15 -28.07 -6.71
N SER C 92 1.95 -28.67 -7.88
CA SER C 92 1.93 -27.90 -9.11
C SER C 92 0.56 -27.83 -9.75
N GLN C 93 -0.47 -28.30 -9.06
CA GLN C 93 -1.83 -28.24 -9.55
C GLN C 93 -2.73 -27.73 -8.45
N GLY C 94 -3.74 -26.96 -8.83
CA GLY C 94 -4.64 -26.45 -7.82
C GLY C 94 -5.75 -25.71 -8.52
N TYR C 95 -6.65 -25.16 -7.72
CA TYR C 95 -7.81 -24.49 -8.27
C TYR C 95 -8.25 -23.47 -7.23
N LEU C 96 -8.90 -22.42 -7.71
CA LEU C 96 -9.41 -21.35 -6.87
C LEU C 96 -10.73 -20.87 -7.45
N VAL C 97 -11.74 -20.73 -6.61
CA VAL C 97 -13.04 -20.24 -7.05
C VAL C 97 -13.31 -18.87 -6.43
N VAL C 98 -13.70 -17.91 -7.26
CA VAL C 98 -13.91 -16.55 -6.79
C VAL C 98 -15.30 -16.10 -7.22
N ARG C 99 -16.02 -15.49 -6.30
CA ARG C 99 -17.31 -14.90 -6.58
C ARG C 99 -17.07 -13.43 -6.93
N LEU C 100 -17.60 -12.98 -8.07
CA LEU C 100 -17.33 -11.65 -8.59
C LEU C 100 -18.28 -10.61 -8.00
N SER C 101 -17.86 -9.34 -8.09
CA SER C 101 -18.68 -8.26 -7.54
C SER C 101 -19.89 -7.95 -8.39
N MET C 102 -19.94 -8.43 -9.63
CA MET C 102 -21.13 -8.22 -10.45
C MET C 102 -21.35 -9.43 -11.33
N MET C 103 -22.58 -9.56 -11.82
CA MET C 103 -22.86 -10.50 -12.90
C MET C 103 -22.36 -9.88 -14.20
N ILE C 104 -21.39 -10.53 -14.86
CA ILE C 104 -20.73 -9.96 -16.04
C ILE C 104 -20.64 -10.98 -17.17
N HIS C 105 -20.46 -10.47 -18.38
CA HIS C 105 -19.92 -11.25 -19.48
C HIS C 105 -18.40 -11.12 -19.46
N PRO C 106 -17.66 -12.17 -19.16
CA PRO C 106 -16.21 -12.05 -19.05
C PRO C 106 -15.57 -11.86 -20.41
N ALA C 107 -14.62 -10.93 -20.46
CA ALA C 107 -13.86 -10.60 -21.65
C ALA C 107 -12.40 -10.99 -21.56
N ALA C 108 -11.81 -10.91 -20.37
CA ALA C 108 -10.38 -11.13 -20.26
C ALA C 108 -10.05 -11.42 -18.81
N PHE C 109 -8.86 -11.96 -18.60
CA PHE C 109 -8.32 -12.23 -17.29
C PHE C 109 -6.89 -11.74 -17.24
N THR C 110 -6.41 -11.38 -16.06
CA THR C 110 -5.03 -10.98 -15.88
C THR C 110 -4.41 -11.86 -14.82
N LEU C 111 -3.18 -12.32 -15.06
CA LEU C 111 -2.37 -12.96 -14.03
C LEU C 111 -1.10 -12.17 -13.87
N GLU C 112 -0.76 -11.85 -12.64
CA GLU C 112 0.52 -11.22 -12.36
C GLU C 112 1.38 -12.15 -11.52
N HIS C 113 2.68 -12.06 -11.76
CA HIS C 113 3.68 -12.70 -10.93
C HIS C 113 4.82 -11.71 -10.84
N ILE C 114 5.72 -11.89 -9.88
CA ILE C 114 6.83 -10.96 -9.75
C ILE C 114 7.75 -11.18 -10.94
N PRO C 115 8.52 -10.17 -11.36
CA PRO C 115 9.52 -10.38 -12.40
C PRO C 115 10.72 -11.15 -11.86
N LYS C 116 11.39 -11.88 -12.75
CA LYS C 116 12.59 -12.60 -12.32
C LYS C 116 13.59 -11.66 -11.67
N THR C 117 13.64 -10.41 -12.10
CA THR C 117 14.65 -9.51 -11.57
C THR C 117 14.43 -9.20 -10.10
N LEU C 118 13.25 -9.49 -9.55
CA LEU C 118 12.97 -9.26 -8.14
C LEU C 118 12.95 -10.55 -7.30
N SER C 119 13.15 -11.70 -7.91
CA SER C 119 13.09 -12.97 -7.19
C SER C 119 14.47 -13.31 -6.62
N PRO C 120 14.57 -13.62 -5.33
CA PRO C 120 15.90 -13.91 -4.77
C PRO C 120 16.63 -15.04 -5.48
N THR C 121 15.90 -16.06 -5.90
CA THR C 121 16.51 -17.24 -6.52
C THR C 121 16.98 -16.99 -7.95
N GLY C 122 16.62 -15.88 -8.57
CA GLY C 122 16.91 -15.69 -9.99
C GLY C 122 15.86 -16.24 -10.92
N ASN C 123 14.94 -17.08 -10.43
CA ASN C 123 13.94 -17.71 -11.26
C ASN C 123 12.58 -17.53 -10.60
N ILE C 124 11.54 -17.83 -11.37
CA ILE C 124 10.17 -17.79 -10.88
C ILE C 124 9.57 -19.17 -11.07
N SER C 125 10.35 -20.20 -10.74
CA SER C 125 9.87 -21.55 -10.94
C SER C 125 8.56 -21.84 -10.20
N SER C 126 8.18 -21.04 -9.22
CA SER C 126 6.93 -21.32 -8.50
C SER C 126 5.74 -20.68 -9.19
N ALA C 127 5.95 -19.98 -10.30
CA ALA C 127 4.86 -19.27 -10.94
C ALA C 127 3.95 -20.27 -11.64
N PRO C 128 2.66 -19.95 -11.76
CA PRO C 128 1.77 -20.83 -12.53
C PRO C 128 2.22 -20.88 -13.97
N LYS C 129 2.03 -22.03 -14.60
CA LYS C 129 2.31 -22.10 -16.03
C LYS C 129 1.03 -22.33 -16.82
N ASP C 130 0.49 -23.56 -16.86
CA ASP C 130 -0.70 -23.84 -17.67
C ASP C 130 -1.94 -23.73 -16.82
N PHE C 131 -2.93 -23.01 -17.30
CA PHE C 131 -4.14 -22.84 -16.52
C PHE C 131 -5.33 -22.65 -17.44
N ALA C 132 -6.51 -22.74 -16.86
CA ALA C 132 -7.76 -22.57 -17.59
C ALA C 132 -8.73 -21.86 -16.66
N VAL C 133 -9.72 -21.21 -17.25
CA VAL C 133 -10.72 -20.47 -16.50
C VAL C 133 -12.10 -20.93 -16.93
N TYR C 134 -12.96 -21.21 -15.94
CA TYR C 134 -14.31 -21.71 -16.12
C TYR C 134 -15.34 -20.78 -15.51
N GLY C 135 -16.51 -20.69 -16.13
CA GLY C 135 -17.63 -19.95 -15.56
C GLY C 135 -18.61 -20.88 -14.87
N LEU C 136 -19.04 -20.48 -13.66
CA LEU C 136 -19.96 -21.31 -12.89
C LEU C 136 -21.26 -20.55 -12.68
N GLU C 137 -22.38 -21.26 -12.85
CA GLU C 137 -23.69 -20.62 -12.73
C GLU C 137 -24.15 -20.48 -11.29
N ASN C 138 -23.61 -21.29 -10.38
CA ASN C 138 -23.91 -21.18 -8.97
C ASN C 138 -22.78 -21.83 -8.21
N GLU C 139 -22.65 -21.49 -6.93
CA GLU C 139 -21.44 -21.92 -6.27
C GLU C 139 -21.38 -23.41 -5.98
N TYR C 140 -22.45 -24.17 -6.24
CA TYR C 140 -22.44 -25.63 -6.07
C TYR C 140 -22.19 -26.35 -7.38
N GLN C 141 -22.05 -25.65 -8.50
CA GLN C 141 -21.90 -26.30 -9.79
C GLN C 141 -20.53 -26.92 -9.96
N GLU C 142 -20.51 -28.18 -10.38
CA GLU C 142 -19.25 -28.89 -10.49
C GLU C 142 -18.60 -28.69 -11.85
N GLU C 143 -19.39 -28.78 -12.91
CA GLU C 143 -18.92 -28.69 -14.29
C GLU C 143 -19.26 -27.31 -14.82
N GLY C 144 -18.25 -26.46 -15.01
CA GLY C 144 -18.47 -25.12 -15.52
C GLY C 144 -18.23 -25.00 -17.03
N GLN C 145 -18.47 -23.79 -17.52
CA GLN C 145 -18.30 -23.48 -18.93
C GLN C 145 -16.86 -23.00 -19.13
N LEU C 146 -16.16 -23.60 -20.09
CA LEU C 146 -14.76 -23.24 -20.30
C LEU C 146 -14.69 -21.82 -20.84
N LEU C 147 -13.98 -20.94 -20.15
CA LEU C 147 -13.78 -19.59 -20.67
C LEU C 147 -12.43 -19.39 -21.32
N GLY C 148 -11.49 -20.29 -21.04
CA GLY C 148 -10.26 -20.23 -21.81
C GLY C 148 -9.15 -21.12 -21.28
N GLN C 149 -8.23 -21.51 -22.16
CA GLN C 149 -7.04 -22.25 -21.74
C GLN C 149 -5.83 -21.40 -22.11
N PHE C 150 -4.86 -21.31 -21.19
CA PHE C 150 -3.80 -20.31 -21.26
C PHE C 150 -2.53 -20.84 -20.64
N THR C 151 -1.42 -20.17 -20.95
CA THR C 151 -0.14 -20.41 -20.27
C THR C 151 0.41 -19.07 -19.81
N TYR C 152 0.77 -18.97 -18.53
CA TYR C 152 1.52 -17.82 -18.06
C TYR C 152 2.98 -18.01 -18.46
N ASP C 153 3.54 -17.01 -19.12
CA ASP C 153 4.83 -17.15 -19.80
C ASP C 153 5.95 -16.61 -18.91
N GLN C 154 6.82 -17.50 -18.45
CA GLN C 154 7.88 -17.08 -17.54
C GLN C 154 8.89 -16.15 -18.20
N ASP C 155 8.97 -16.12 -19.53
CA ASP C 155 9.83 -15.19 -20.23
C ASP C 155 9.12 -13.89 -20.65
N GLY C 156 7.86 -13.68 -20.25
CA GLY C 156 7.11 -12.51 -20.62
C GLY C 156 7.08 -11.46 -19.52
N GLU C 157 6.18 -10.48 -19.68
CA GLU C 157 6.08 -9.38 -18.73
C GLU C 157 5.44 -9.87 -17.44
N SER C 158 5.66 -9.12 -16.36
CA SER C 158 5.14 -9.48 -15.06
C SER C 158 3.62 -9.66 -15.09
N LEU C 159 2.92 -8.71 -15.69
CA LEU C 159 1.46 -8.75 -15.78
C LEU C 159 1.11 -9.22 -17.17
N GLN C 160 0.27 -10.26 -17.25
CA GLN C 160 -0.10 -10.80 -18.55
C GLN C 160 -1.61 -10.86 -18.64
N MET C 161 -2.13 -10.52 -19.81
CA MET C 161 -3.56 -10.50 -20.05
C MET C 161 -3.92 -11.61 -21.03
N PHE C 162 -5.12 -12.18 -20.83
CA PHE C 162 -5.56 -13.36 -21.55
C PHE C 162 -7.00 -13.13 -21.98
N GLN C 163 -7.30 -13.41 -23.23
CA GLN C 163 -8.61 -13.11 -23.78
C GLN C 163 -9.57 -14.29 -23.59
N ALA C 164 -10.75 -14.01 -23.05
CA ALA C 164 -11.73 -15.05 -22.87
C ALA C 164 -12.26 -15.55 -24.21
N LEU C 165 -12.63 -16.82 -24.26
CA LEU C 165 -13.43 -17.28 -25.40
C LEU C 165 -14.80 -16.64 -25.24
N LYS C 166 -15.31 -16.01 -26.29
CA LYS C 166 -16.69 -15.54 -26.25
C LYS C 166 -17.59 -16.55 -26.94
N ARG C 167 -18.52 -17.13 -26.19
CA ARG C 167 -19.46 -18.08 -26.75
C ARG C 167 -20.35 -17.36 -27.75
N PRO C 168 -20.84 -18.07 -28.78
CA PRO C 168 -21.83 -17.44 -29.68
C PRO C 168 -23.00 -16.78 -28.96
N ASP C 169 -23.57 -17.40 -27.91
CA ASP C 169 -24.60 -16.69 -27.16
C ASP C 169 -23.91 -15.82 -26.10
N ASP C 170 -24.66 -15.28 -25.15
CA ASP C 170 -24.07 -14.54 -24.05
C ASP C 170 -24.63 -15.04 -22.73
N THR C 171 -23.90 -15.94 -22.09
CA THR C 171 -24.19 -16.29 -20.71
C THR C 171 -23.29 -15.45 -19.82
N ALA C 172 -23.88 -14.89 -18.79
CA ALA C 172 -23.16 -14.09 -17.82
C ALA C 172 -22.77 -14.98 -16.65
N PHE C 173 -21.68 -14.61 -15.97
CA PHE C 173 -21.23 -15.36 -14.82
C PHE C 173 -20.94 -14.39 -13.69
N GLN C 174 -21.22 -14.83 -12.47
CA GLN C 174 -20.78 -14.13 -11.27
C GLN C 174 -19.86 -15.01 -10.43
N ILE C 175 -19.52 -16.19 -10.92
CA ILE C 175 -18.59 -17.09 -10.25
C ILE C 175 -17.61 -17.59 -11.29
N VAL C 176 -16.33 -17.58 -10.94
CA VAL C 176 -15.27 -17.99 -11.85
C VAL C 176 -14.36 -18.97 -11.14
N GLU C 177 -13.89 -19.97 -11.86
CA GLU C 177 -12.91 -20.91 -11.36
C GLU C 177 -11.62 -20.81 -12.16
N LEU C 178 -10.51 -20.64 -11.47
CA LEU C 178 -9.19 -20.73 -12.06
C LEU C 178 -8.62 -22.11 -11.74
N ARG C 179 -8.29 -22.91 -12.76
CA ARG C 179 -7.59 -24.18 -12.56
C ARG C 179 -6.16 -24.02 -13.05
N ILE C 180 -5.19 -24.25 -12.16
CA ILE C 180 -3.77 -24.30 -12.51
C ILE C 180 -3.39 -25.76 -12.68
N PHE C 181 -2.88 -26.14 -13.86
CA PHE C 181 -2.47 -27.50 -14.14
C PHE C 181 -0.98 -27.76 -13.95
N SER C 182 -0.14 -26.73 -13.90
CA SER C 182 1.30 -26.92 -13.89
C SER C 182 1.97 -25.63 -13.44
N ASN C 183 3.22 -25.73 -13.01
CA ASN C 183 3.95 -24.51 -12.69
C ASN C 183 5.29 -24.52 -13.42
N TRP C 184 6.17 -23.58 -13.13
CA TRP C 184 7.42 -23.50 -13.87
C TRP C 184 8.54 -24.29 -13.22
N GLY C 185 8.18 -25.33 -12.44
CA GLY C 185 9.14 -26.34 -12.04
C GLY C 185 9.34 -26.47 -10.55
N HIS C 186 8.79 -25.60 -9.73
CA HIS C 186 9.00 -25.76 -8.31
C HIS C 186 8.28 -27.01 -7.83
N PRO C 187 8.99 -27.94 -7.18
CA PRO C 187 8.32 -29.19 -6.77
C PRO C 187 7.37 -29.02 -5.58
N GLU C 188 7.66 -28.13 -4.64
CA GLU C 188 6.87 -28.10 -3.41
C GLU C 188 5.54 -27.36 -3.58
N TYR C 189 5.52 -26.25 -4.31
CA TYR C 189 4.33 -25.39 -4.27
C TYR C 189 4.26 -24.55 -5.52
N THR C 190 3.12 -23.86 -5.68
CA THR C 190 2.93 -22.84 -6.71
C THR C 190 2.45 -21.57 -6.04
N CYS C 191 2.93 -20.41 -6.48
CA CYS C 191 2.61 -19.17 -5.78
C CYS C 191 1.86 -18.27 -6.73
N LEU C 192 0.66 -17.86 -6.31
CA LEU C 192 -0.24 -17.05 -7.10
C LEU C 192 -0.31 -15.65 -6.48
N TYR C 193 0.15 -14.64 -7.23
CA TYR C 193 0.16 -13.26 -6.71
C TYR C 193 -1.17 -12.57 -6.93
N ARG C 194 -1.66 -12.52 -8.17
CA ARG C 194 -2.92 -11.84 -8.36
C ARG C 194 -3.64 -12.37 -9.59
N PHE C 195 -4.96 -12.54 -9.47
CA PHE C 195 -5.79 -12.94 -10.59
C PHE C 195 -6.91 -11.92 -10.70
N ARG C 196 -7.11 -11.35 -11.89
CA ARG C 196 -8.17 -10.39 -12.12
C ARG C 196 -9.15 -10.92 -13.15
N VAL C 197 -10.41 -10.50 -13.05
CA VAL C 197 -11.45 -10.86 -14.02
C VAL C 197 -12.03 -9.57 -14.58
N HIS C 198 -12.01 -9.43 -15.90
CA HIS C 198 -12.52 -8.25 -16.58
C HIS C 198 -13.69 -8.61 -17.48
N GLY C 199 -14.58 -7.65 -17.71
CA GLY C 199 -15.72 -7.91 -18.58
C GLY C 199 -16.73 -6.79 -18.50
N GLU C 200 -17.92 -7.07 -19.04
CA GLU C 200 -18.96 -6.06 -19.09
C GLU C 200 -20.14 -6.50 -18.25
N PRO C 201 -20.62 -5.66 -17.32
CA PRO C 201 -21.79 -6.03 -16.50
C PRO C 201 -23.03 -6.21 -17.36
N VAL C 202 -23.97 -7.01 -16.84
CA VAL C 202 -25.22 -7.22 -17.55
C VAL C 202 -26.10 -5.97 -17.43
N GLN D 19 -11.36 3.66 22.58
CA GLN D 19 -12.11 2.42 22.59
C GLN D 19 -11.99 1.63 21.29
N GLU D 20 -12.35 2.28 20.19
CA GLU D 20 -12.31 1.61 18.89
C GLU D 20 -10.91 1.55 18.30
N ASP D 21 -9.94 2.25 18.88
CA ASP D 21 -8.54 1.92 18.59
C ASP D 21 -8.25 0.48 18.97
N SER D 22 -8.77 0.05 20.13
CA SER D 22 -8.68 -1.35 20.51
C SER D 22 -9.35 -2.23 19.46
N TRP D 23 -10.51 -1.81 18.97
CA TRP D 23 -11.18 -2.65 17.98
C TRP D 23 -10.36 -2.76 16.69
N THR D 24 -9.80 -1.65 16.22
CA THR D 24 -9.07 -1.72 14.97
C THR D 24 -7.77 -2.52 15.12
N SER D 25 -7.08 -2.43 16.27
CA SER D 25 -5.89 -3.27 16.43
C SER D 25 -6.27 -4.75 16.55
N LEU D 26 -7.42 -5.05 17.18
CA LEU D 26 -7.93 -6.41 17.16
C LEU D 26 -8.27 -6.85 15.74
N GLU D 27 -8.81 -5.93 14.94
CA GLU D 27 -9.15 -6.25 13.56
C GLU D 27 -7.90 -6.53 12.74
N HIS D 28 -6.82 -5.78 13.01
CA HIS D 28 -5.53 -6.08 12.38
C HIS D 28 -5.09 -7.49 12.73
N ILE D 29 -5.17 -7.85 14.00
CA ILE D 29 -4.79 -9.21 14.39
C ILE D 29 -5.63 -10.24 13.64
N LEU D 30 -6.95 -9.99 13.53
CA LEU D 30 -7.85 -11.00 12.97
C LEU D 30 -7.80 -11.09 11.45
N TRP D 31 -7.52 -10.00 10.75
CA TRP D 31 -7.68 -9.88 9.31
C TRP D 31 -7.15 -11.06 8.50
N PRO D 32 -5.87 -11.42 8.56
CA PRO D 32 -5.37 -12.47 7.65
C PRO D 32 -6.00 -13.84 7.88
N PHE D 33 -6.56 -14.09 9.06
CA PHE D 33 -7.05 -15.42 9.40
C PHE D 33 -8.53 -15.60 9.15
N THR D 34 -9.26 -14.53 8.97
CA THR D 34 -10.67 -14.65 8.67
C THR D 34 -10.87 -14.80 7.17
N ARG D 35 -12.07 -15.24 6.80
CA ARG D 35 -12.52 -15.29 5.42
C ARG D 35 -13.57 -14.22 5.26
N LEU D 36 -13.55 -13.55 4.11
CA LEU D 36 -14.49 -12.48 3.82
C LEU D 36 -15.40 -12.91 2.69
N ARG D 37 -16.71 -12.92 2.95
CA ARG D 37 -17.73 -13.18 1.94
C ARG D 37 -18.61 -11.95 1.80
N HIS D 38 -18.72 -11.46 0.57
CA HIS D 38 -19.68 -10.42 0.25
C HIS D 38 -20.99 -11.09 -0.14
N ASN D 39 -22.06 -10.72 0.54
CA ASN D 39 -23.40 -11.17 0.21
C ASN D 39 -24.14 -10.12 -0.59
N GLY D 40 -23.49 -9.00 -0.86
CA GLY D 40 -24.04 -7.95 -1.67
C GLY D 40 -22.89 -7.01 -1.95
N PRO D 41 -23.06 -6.09 -2.89
CA PRO D 41 -21.96 -5.18 -3.22
C PRO D 41 -21.59 -4.31 -2.03
N PRO D 42 -20.31 -4.23 -1.68
CA PRO D 42 -19.87 -3.29 -0.66
C PRO D 42 -19.91 -1.87 -1.20
N PRO D 43 -19.89 -0.86 -0.33
CA PRO D 43 -19.80 0.52 -0.83
C PRO D 43 -18.49 0.72 -1.60
N VAL D 44 -18.57 1.35 -2.76
CA VAL D 44 -17.38 1.79 -3.49
C VAL D 44 -17.61 3.20 -4.01
N PRO E 32 -8.64 -2.01 33.78
CA PRO E 32 -9.20 -2.47 32.50
C PRO E 32 -8.36 -1.99 31.34
N PHE E 33 -8.52 -2.63 30.18
CA PHE E 33 -7.87 -2.16 28.97
C PHE E 33 -8.44 -0.80 28.58
N THR E 34 -7.55 0.13 28.21
CA THR E 34 -7.97 1.52 27.99
C THR E 34 -6.96 2.21 27.08
N ARG E 35 -7.34 2.47 25.82
CA ARG E 35 -6.44 3.14 24.89
C ARG E 35 -6.17 4.59 25.32
N LEU E 36 -5.13 5.19 24.75
CA LEU E 36 -4.72 6.55 25.03
C LEU E 36 -4.60 7.35 23.74
N ARG E 37 -5.08 8.58 23.76
CA ARG E 37 -4.77 9.54 22.69
C ARG E 37 -3.41 10.15 22.93
N HIS E 38 -2.76 10.56 21.84
CA HIS E 38 -1.37 11.02 21.92
C HIS E 38 -1.22 12.53 22.00
N ASN E 39 -1.96 13.28 21.19
CA ASN E 39 -1.94 14.75 21.21
C ASN E 39 -0.59 15.34 20.82
N GLY E 40 0.38 14.48 20.48
CA GLY E 40 1.68 14.94 20.03
C GLY E 40 2.16 14.15 18.82
N PRO E 41 2.75 14.85 17.83
CA PRO E 41 2.97 14.22 16.53
C PRO E 41 4.01 13.12 16.59
N PRO E 42 3.88 12.09 15.75
CA PRO E 42 4.83 10.97 15.77
C PRO E 42 6.15 11.35 15.13
N PRO E 43 7.19 10.54 15.34
CA PRO E 43 8.44 10.68 14.56
C PRO E 43 8.20 10.58 13.06
N VAL E 44 8.89 11.42 12.30
CA VAL E 44 8.81 11.37 10.83
C VAL E 44 10.18 11.63 10.23
#